data_2Z83
#
_entry.id   2Z83
#
_cell.length_a   59.062
_cell.length_b   68.024
_cell.length_c   65.219
_cell.angle_alpha   90.00
_cell.angle_beta   116.87
_cell.angle_gamma   90.00
#
_symmetry.space_group_name_H-M   'P 1 21 1'
#
loop_
_entity.id
_entity.type
_entity.pdbx_description
1 polymer 'Helicase/Nucleoside Triphosphatase'
2 water water
#
_entity_poly.entity_id   1
_entity_poly.type   'polypeptide(L)'
_entity_poly.pdbx_seq_one_letter_code
;MASMTGGQQMGRGSPNMLRKRQMTVLDLHPGSGKTRKILPQIIKDAIQQRLRTAVLAPTRVVAAEMAEALRGLPVRYQTS
AVQREHQGNEIVDVMCHATLTHRLMSPNRVPNYNLFVMDEAHFTDPASIAARGYIATKVELGEAAAIFMTATPPGTTDPF
PDSNAPIHDLQDEIPDRAWSSGYEWITEYAGKTVWFVASVKMGNEIAMCLQRAGKKVIQLNRKSYDTEYPKCKNGDWDFV
ITTDISEMGANFGASRVIDCRKSVKPTILEEGEGRVILGNPSPITSASAAQRRGRVGRNPNQVGDEYHYGGATSEDDSNL
AHWTEAKIMLDNIHMPNGLVAQLYGPEREKAFTMDGEYRLRGEEKKNFLELLRTADLPVWLAYKVASNGIQYTDRKWCFD
GPRTNAILEDNIEVEIVTRMGERKILKPRWLDARVYADHQALKWFKDFAAGKRHHHHHH
;
_entity_poly.pdbx_strand_id   A
#
# COMPACT_ATOMS: atom_id res chain seq x y z
N PRO A 15 4.34 28.68 6.33
CA PRO A 15 4.26 28.74 7.79
C PRO A 15 2.83 28.86 8.35
N ASN A 16 1.97 29.59 7.64
CA ASN A 16 0.58 29.79 8.05
C ASN A 16 -0.26 28.52 8.05
N MET A 17 0.07 27.60 7.14
CA MET A 17 -0.66 26.34 6.94
C MET A 17 -0.68 25.46 8.19
N LEU A 18 0.18 25.80 9.16
CA LEU A 18 0.40 24.99 10.35
C LEU A 18 -0.64 25.20 11.45
N ARG A 19 -1.42 26.28 11.35
CA ARG A 19 -2.47 26.61 12.33
C ARG A 19 -3.65 25.63 12.30
N LYS A 20 -4.19 25.34 13.47
CA LYS A 20 -5.30 24.38 13.58
C LYS A 20 -6.44 24.65 12.61
N ARG A 21 -7.14 23.55 12.29
CA ARG A 21 -8.34 23.57 11.46
C ARG A 21 -8.07 23.69 9.96
N GLN A 22 -6.80 23.67 9.56
CA GLN A 22 -6.48 23.74 8.15
C GLN A 22 -6.10 22.34 7.67
N MET A 23 -6.69 21.89 6.54
CA MET A 23 -6.24 20.65 5.84
C MET A 23 -5.66 21.14 4.54
N THR A 24 -4.37 20.92 4.31
CA THR A 24 -3.76 21.46 3.10
C THR A 24 -3.28 20.28 2.29
N VAL A 25 -3.67 20.22 1.01
CA VAL A 25 -3.14 19.20 0.13
C VAL A 25 -2.08 19.88 -0.73
N LEU A 26 -0.84 19.42 -0.61
CA LEU A 26 0.18 19.93 -1.47
C LEU A 26 0.26 18.99 -2.67
N ASP A 27 -0.50 19.36 -3.71
CA ASP A 27 -0.51 18.72 -5.03
C ASP A 27 0.82 19.07 -5.69
N LEU A 28 1.84 18.28 -5.44
CA LEU A 28 3.13 18.54 -6.01
C LEU A 28 3.36 17.48 -7.07
N HIS A 29 3.43 17.89 -8.34
CA HIS A 29 3.56 16.93 -9.45
C HIS A 29 4.81 16.07 -9.26
N PRO A 30 4.82 14.84 -9.84
CA PRO A 30 5.98 13.97 -9.58
C PRO A 30 7.30 14.64 -9.96
N GLY A 31 8.35 14.38 -9.18
CA GLY A 31 9.66 14.95 -9.41
C GLY A 31 9.94 16.33 -8.85
N SER A 32 9.13 16.78 -7.88
CA SER A 32 9.31 18.09 -7.25
C SER A 32 10.16 18.06 -5.97
N GLY A 33 10.63 16.87 -5.58
CA GLY A 33 11.43 16.71 -4.36
C GLY A 33 10.74 17.18 -3.07
N LYS A 34 9.50 16.75 -2.86
CA LYS A 34 8.76 17.15 -1.65
C LYS A 34 9.46 16.72 -0.35
N THR A 35 9.84 15.44 -0.29
CA THR A 35 10.47 14.87 0.90
C THR A 35 11.79 15.58 1.19
N ARG A 36 12.53 15.88 0.14
CA ARG A 36 13.89 16.37 0.29
C ARG A 36 14.01 17.86 0.49
N LYS A 37 13.10 18.67 -0.09
CA LYS A 37 13.14 20.11 0.15
C LYS A 37 12.00 20.64 1.00
N ILE A 38 10.77 20.33 0.61
CA ILE A 38 9.62 20.95 1.25
C ILE A 38 9.42 20.44 2.67
N LEU A 39 9.55 19.14 2.87
CA LEU A 39 9.35 18.56 4.21
C LEU A 39 10.21 19.15 5.35
N PRO A 40 11.55 19.21 5.18
CA PRO A 40 12.36 19.85 6.23
C PRO A 40 11.91 21.26 6.62
N GLN A 41 11.48 22.07 5.65
CA GLN A 41 11.01 23.42 5.97
C GLN A 41 9.73 23.42 6.83
N ILE A 42 8.80 22.55 6.46
CA ILE A 42 7.61 22.36 7.28
C ILE A 42 7.97 21.99 8.72
N ILE A 43 8.91 21.06 8.85
CA ILE A 43 9.27 20.51 10.17
C ILE A 43 9.98 21.60 11.00
N LYS A 44 10.88 22.33 10.35
CA LYS A 44 11.52 23.46 11.02
C LYS A 44 10.52 24.51 11.51
N ASP A 45 9.53 24.83 10.67
CA ASP A 45 8.42 25.72 11.06
C ASP A 45 7.57 25.16 12.21
N ALA A 46 7.29 23.86 12.18
CA ALA A 46 6.54 23.19 13.25
C ALA A 46 7.24 23.29 14.60
N ILE A 47 8.52 22.88 14.64
CA ILE A 47 9.32 22.98 15.87
C ILE A 47 9.36 24.44 16.40
N GLN A 48 9.53 25.37 15.47
CA GLN A 48 9.60 26.79 15.77
C GLN A 48 8.32 27.23 16.46
N GLN A 49 7.18 26.67 16.01
CA GLN A 49 5.85 27.08 16.47
C GLN A 49 5.38 26.21 17.63
N ARG A 50 6.27 25.31 18.04
CA ARG A 50 6.09 24.42 19.18
C ARG A 50 4.90 23.49 19.00
N LEU A 51 4.69 23.04 17.77
CA LEU A 51 3.59 22.12 17.44
C LEU A 51 4.01 20.67 17.61
N ARG A 52 3.22 19.89 18.33
CA ARG A 52 3.49 18.47 18.52
C ARG A 52 3.05 17.85 17.20
N THR A 53 3.98 17.18 16.52
CA THR A 53 3.84 16.86 15.09
C THR A 53 4.06 15.39 14.81
N ALA A 54 3.14 14.78 14.04
CA ALA A 54 3.36 13.40 13.57
C ALA A 54 3.70 13.44 12.10
N VAL A 55 4.79 12.81 11.69
CA VAL A 55 5.17 12.84 10.29
C VAL A 55 5.02 11.38 9.83
N LEU A 56 4.24 11.17 8.77
CA LEU A 56 3.78 9.83 8.46
C LEU A 56 4.38 9.33 7.15
N ALA A 57 5.11 8.24 7.17
CA ALA A 57 5.58 7.65 5.91
C ALA A 57 4.81 6.38 5.53
N PRO A 58 4.55 6.18 4.24
CA PRO A 58 3.73 5.04 3.83
C PRO A 58 4.43 3.69 3.88
N THR A 59 5.69 3.69 3.49
CA THR A 59 6.29 2.43 3.08
C THR A 59 7.56 2.35 3.81
N ARG A 60 8.29 1.29 3.53
CA ARG A 60 9.50 0.94 4.21
C ARG A 60 10.56 2.04 4.10
N VAL A 61 10.87 2.41 2.87
CA VAL A 61 12.02 3.24 2.59
C VAL A 61 11.83 4.71 3.01
N VAL A 62 10.58 5.18 2.97
CA VAL A 62 10.30 6.61 3.01
C VAL A 62 10.64 7.17 4.37
N ALA A 63 10.33 6.42 5.43
CA ALA A 63 10.69 6.87 6.78
C ALA A 63 12.19 7.12 6.88
N ALA A 64 12.97 6.26 6.24
CA ALA A 64 14.45 6.35 6.30
C ALA A 64 14.94 7.56 5.49
N GLU A 65 14.42 7.69 4.27
CA GLU A 65 14.57 8.89 3.43
C GLU A 65 14.16 10.20 4.14
N MET A 66 13.13 10.14 4.97
CA MET A 66 12.79 11.24 5.87
C MET A 66 13.85 11.53 6.93
N ALA A 67 14.37 10.48 7.56
CA ALA A 67 15.41 10.61 8.60
C ALA A 67 16.64 11.33 8.09
N GLU A 68 17.03 11.05 6.87
CA GLU A 68 18.17 11.74 6.27
C GLU A 68 17.79 13.17 5.89
N ALA A 69 16.58 13.35 5.36
CA ALA A 69 16.10 14.65 5.00
C ALA A 69 15.98 15.57 6.21
N LEU A 70 15.73 14.99 7.39
CA LEU A 70 15.45 15.77 8.59
C LEU A 70 16.62 15.82 9.59
N ARG A 71 17.84 15.59 9.11
CA ARG A 71 19.02 15.65 9.97
C ARG A 71 19.30 17.04 10.53
N GLY A 72 19.62 17.08 11.82
CA GLY A 72 19.94 18.34 12.50
C GLY A 72 18.73 18.81 13.26
N LEU A 73 17.60 18.20 12.95
CA LEU A 73 16.32 18.53 13.53
C LEU A 73 16.01 17.56 14.67
N PRO A 74 15.48 18.10 15.77
CA PRO A 74 15.11 17.24 16.90
C PRO A 74 13.86 16.38 16.57
N VAL A 75 14.06 15.22 15.98
CA VAL A 75 12.96 14.33 15.58
C VAL A 75 13.10 12.96 16.23
N ARG A 76 11.97 12.39 16.66
CA ARG A 76 11.93 11.04 17.21
C ARG A 76 11.40 10.04 16.20
N TYR A 77 12.12 8.95 16.02
CA TYR A 77 11.72 7.94 15.04
C TYR A 77 11.16 6.70 15.72
N GLN A 78 9.99 6.28 15.25
CA GLN A 78 9.27 5.14 15.84
C GLN A 78 8.86 4.25 14.69
N THR A 79 9.85 3.72 13.95
CA THR A 79 9.65 2.94 12.69
C THR A 79 9.84 3.77 11.43
N GLY A 88 14.60 12.37 23.98
CA GLY A 88 13.60 12.40 25.03
C GLY A 88 12.60 13.53 25.00
N ASN A 89 13.03 14.73 24.60
CA ASN A 89 12.16 15.92 24.61
C ASN A 89 11.63 16.39 23.23
N GLU A 90 11.89 15.61 22.18
CA GLU A 90 11.45 15.97 20.82
C GLU A 90 9.93 16.08 20.70
N ILE A 91 9.46 17.05 19.91
CA ILE A 91 8.03 17.25 19.74
C ILE A 91 7.53 16.79 18.37
N VAL A 92 8.45 16.24 17.59
CA VAL A 92 8.17 15.71 16.22
C VAL A 92 8.48 14.21 16.19
N ASP A 93 7.48 13.43 15.76
CA ASP A 93 7.56 11.98 15.73
C ASP A 93 7.43 11.55 14.27
N VAL A 94 8.30 10.66 13.81
CA VAL A 94 8.22 10.06 12.46
C VAL A 94 7.79 8.58 12.61
N MET A 95 6.79 8.14 11.86
CA MET A 95 6.34 6.77 11.97
C MET A 95 5.66 6.36 10.69
N CYS A 96 5.41 5.08 10.51
CA CYS A 96 4.67 4.66 9.32
C CYS A 96 3.17 4.95 9.48
N HIS A 97 2.46 5.12 8.35
CA HIS A 97 0.99 5.36 8.38
C HIS A 97 0.34 4.32 9.30
N ALA A 98 0.80 3.08 9.21
CA ALA A 98 0.23 1.93 9.91
C ALA A 98 0.52 1.84 11.41
N THR A 99 1.64 2.41 11.83
CA THR A 99 1.98 2.48 13.24
C THR A 99 0.95 3.36 13.94
N LEU A 100 0.60 4.47 13.33
CA LEU A 100 -0.37 5.42 13.88
C LEU A 100 -1.71 4.70 14.00
N THR A 101 -2.22 4.15 12.90
CA THR A 101 -3.52 3.48 12.93
C THR A 101 -3.57 2.34 13.95
N HIS A 102 -2.55 1.49 14.02
CA HIS A 102 -2.56 0.38 14.98
C HIS A 102 -2.56 0.89 16.43
N ARG A 103 -1.76 1.91 16.66
CA ARG A 103 -1.77 2.55 18.00
C ARG A 103 -3.11 3.15 18.37
N LEU A 104 -3.74 3.84 17.42
CA LEU A 104 -5.04 4.45 17.63
C LEU A 104 -6.14 3.44 18.04
N MET A 105 -6.05 2.22 17.54
CA MET A 105 -7.06 1.20 17.84
C MET A 105 -6.84 0.59 19.20
N SER A 106 -5.61 0.64 19.68
CA SER A 106 -5.19 -0.06 20.91
C SER A 106 -5.65 0.77 22.07
N PRO A 107 -5.57 0.23 23.30
CA PRO A 107 -5.91 1.07 24.44
C PRO A 107 -4.75 1.93 24.91
N ASN A 108 -3.66 1.98 24.14
CA ASN A 108 -2.48 2.68 24.63
C ASN A 108 -2.25 4.13 24.21
N VAL A 110 -2.20 7.64 22.19
CA VAL A 110 -1.44 8.35 21.13
C VAL A 110 -1.33 9.79 21.54
N PRO A 111 -0.17 10.46 21.32
CA PRO A 111 -0.11 11.88 21.66
C PRO A 111 -1.17 12.72 20.97
N ASN A 112 -1.48 13.85 21.61
CA ASN A 112 -2.34 14.86 21.07
C ASN A 112 -1.56 15.71 20.07
N TYR A 113 -1.38 15.17 18.86
CA TYR A 113 -0.70 15.93 17.83
C TYR A 113 -1.49 17.13 17.37
N ASN A 114 -0.80 18.25 17.25
CA ASN A 114 -1.36 19.49 16.72
C ASN A 114 -1.22 19.56 15.21
N LEU A 115 -0.31 18.76 14.66
CA LEU A 115 -0.06 18.83 13.22
C LEU A 115 0.27 17.43 12.70
N PHE A 116 -0.27 17.06 11.55
CA PHE A 116 0.04 15.76 10.93
C PHE A 116 0.58 16.10 9.58
N VAL A 117 1.67 15.47 9.17
CA VAL A 117 2.17 15.66 7.79
C VAL A 117 2.26 14.28 7.20
N MET A 118 1.47 14.02 6.16
CA MET A 118 1.43 12.66 5.60
C MET A 118 2.09 12.72 4.27
N ASP A 119 3.18 11.97 4.11
CA ASP A 119 3.88 11.91 2.83
C ASP A 119 3.25 10.77 2.03
N GLU A 120 3.25 10.91 0.70
CA GLU A 120 2.54 9.95 -0.19
C GLU A 120 1.10 9.60 0.27
N ALA A 121 0.29 10.65 0.41
CA ALA A 121 -1.01 10.59 1.02
C ALA A 121 -2.06 10.09 0.04
N HIS A 122 -1.61 9.41 -1.00
CA HIS A 122 -2.54 8.75 -1.93
C HIS A 122 -2.59 7.22 -1.71
N PHE A 123 -1.71 6.66 -0.86
CA PHE A 123 -1.61 5.21 -0.74
C PHE A 123 -2.94 4.63 -0.26
N THR A 124 -3.37 3.52 -0.85
CA THR A 124 -4.67 2.94 -0.51
C THR A 124 -4.53 1.64 0.29
N ASP A 125 -3.40 1.47 0.95
CA ASP A 125 -3.26 0.50 2.05
C ASP A 125 -4.40 0.80 3.10
N PRO A 126 -5.05 -0.24 3.67
CA PRO A 126 -6.17 0.11 4.58
C PRO A 126 -5.69 1.05 5.71
N ALA A 127 -4.49 0.88 6.18
CA ALA A 127 -4.06 1.71 7.35
C ALA A 127 -3.83 3.14 6.94
N SER A 128 -3.44 3.34 5.69
CA SER A 128 -3.31 4.70 5.13
C SER A 128 -4.66 5.40 5.00
N ILE A 129 -5.64 4.69 4.45
CA ILE A 129 -6.98 5.25 4.31
C ILE A 129 -7.52 5.59 5.69
N ALA A 130 -7.30 4.70 6.65
CA ALA A 130 -7.89 4.92 7.98
C ALA A 130 -7.17 6.11 8.60
N ALA A 131 -5.86 6.16 8.43
CA ALA A 131 -5.09 7.30 8.99
C ALA A 131 -5.59 8.63 8.44
N ARG A 132 -5.83 8.73 7.13
CA ARG A 132 -6.37 9.97 6.58
C ARG A 132 -7.72 10.32 7.15
N GLY A 133 -8.57 9.31 7.39
CA GLY A 133 -9.88 9.59 7.98
C GLY A 133 -9.76 10.14 9.40
N TYR A 134 -8.91 9.49 10.21
CA TYR A 134 -8.70 9.95 11.57
C TYR A 134 -8.19 11.41 11.53
N ILE A 135 -7.18 11.65 10.71
CA ILE A 135 -6.57 12.99 10.65
C ILE A 135 -7.57 14.08 10.21
N ALA A 136 -8.32 13.80 9.13
CA ALA A 136 -9.31 14.69 8.61
C ALA A 136 -10.35 15.03 9.65
N THR A 137 -10.70 14.02 10.45
CA THR A 137 -11.71 14.18 11.51
C THR A 137 -11.18 15.12 12.60
N LYS A 138 -9.94 14.93 12.99
CA LYS A 138 -9.29 15.80 13.97
C LYS A 138 -9.15 17.23 13.48
N VAL A 139 -8.84 17.38 12.19
CA VAL A 139 -8.75 18.72 11.62
C VAL A 139 -10.12 19.41 11.58
N GLU A 140 -11.14 18.67 11.13
CA GLU A 140 -12.50 19.19 11.11
C GLU A 140 -12.96 19.67 12.50
N LEU A 141 -12.58 18.95 13.55
CA LEU A 141 -12.90 19.36 14.95
C LEU A 141 -12.10 20.57 15.45
N GLY A 142 -11.19 21.06 14.61
CA GLY A 142 -10.32 22.15 14.97
C GLY A 142 -9.29 21.74 16.00
N GLU A 143 -9.00 20.43 16.07
CA GLU A 143 -8.05 19.92 17.05
C GLU A 143 -6.63 19.80 16.51
N ALA A 144 -6.48 19.95 15.19
CA ALA A 144 -5.19 19.75 14.54
C ALA A 144 -5.18 20.40 13.18
N ALA A 145 -4.00 20.51 12.59
CA ALA A 145 -3.86 20.92 11.22
C ALA A 145 -3.25 19.70 10.51
N ALA A 146 -3.37 19.65 9.21
CA ALA A 146 -2.75 18.55 8.47
C ALA A 146 -2.30 19.05 7.12
N ILE A 147 -1.23 18.40 6.65
CA ILE A 147 -0.70 18.61 5.30
C ILE A 147 -0.58 17.20 4.68
N PHE A 148 -1.28 16.98 3.58
CA PHE A 148 -1.17 15.71 2.85
C PHE A 148 -0.33 15.99 1.62
N MET A 149 0.79 15.30 1.42
CA MET A 149 1.66 15.59 0.30
C MET A 149 1.55 14.45 -0.70
N THR A 150 1.19 14.79 -1.92
CA THR A 150 1.10 13.79 -2.99
C THR A 150 0.79 14.42 -4.32
N ALA A 151 1.37 13.83 -5.37
CA ALA A 151 1.11 14.29 -6.72
C ALA A 151 -0.28 13.96 -7.15
N THR A 152 -0.86 12.96 -6.48
CA THR A 152 -2.13 12.45 -6.88
C THR A 152 -3.05 12.30 -5.66
N PRO A 153 -3.64 13.40 -5.21
CA PRO A 153 -4.39 13.24 -3.97
C PRO A 153 -5.71 12.50 -4.15
N PRO A 154 -6.23 11.96 -3.04
CA PRO A 154 -7.54 11.34 -3.17
C PRO A 154 -8.57 12.23 -3.82
N GLY A 155 -9.30 11.63 -4.76
CA GLY A 155 -10.21 12.37 -5.61
C GLY A 155 -9.53 12.72 -6.93
N THR A 156 -8.32 12.18 -7.14
CA THR A 156 -7.59 12.38 -8.40
C THR A 156 -8.31 11.69 -9.51
N THR A 157 -8.42 12.33 -10.67
CA THR A 157 -8.93 11.58 -11.80
C THR A 157 -7.95 11.63 -13.00
N ASP A 158 -6.87 12.43 -12.91
CA ASP A 158 -6.04 12.73 -14.12
C ASP A 158 -4.79 11.85 -14.13
N PRO A 159 -4.72 10.87 -15.07
CA PRO A 159 -3.56 9.98 -15.17
C PRO A 159 -2.31 10.65 -15.75
N PHE A 160 -2.48 11.87 -16.25
CA PHE A 160 -1.44 12.54 -17.02
C PHE A 160 -1.07 13.89 -16.43
N PRO A 161 -0.55 13.90 -15.19
CA PRO A 161 -0.28 15.19 -14.58
C PRO A 161 0.98 15.83 -15.13
N ASP A 162 1.32 16.99 -14.58
CA ASP A 162 2.49 17.73 -15.02
C ASP A 162 3.76 16.98 -14.74
N SER A 163 4.80 17.30 -15.51
CA SER A 163 6.12 16.73 -15.27
C SER A 163 7.21 17.76 -15.56
N ASN A 164 8.42 17.50 -15.08
CA ASN A 164 9.55 18.43 -15.33
C ASN A 164 9.98 18.51 -16.80
N ALA A 165 9.74 17.43 -17.56
CA ALA A 165 9.97 17.42 -18.99
C ALA A 165 8.77 16.74 -19.65
N PRO A 166 8.40 17.18 -20.83
CA PRO A 166 7.27 16.51 -21.48
C PRO A 166 7.49 15.02 -21.68
N ILE A 167 6.38 14.26 -21.62
CA ILE A 167 6.39 12.83 -21.79
C ILE A 167 5.51 12.47 -22.99
N HIS A 168 6.00 11.60 -23.85
CA HIS A 168 5.20 11.08 -24.96
C HIS A 168 4.26 10.01 -24.42
N ASP A 169 2.96 10.25 -24.42
CA ASP A 169 1.99 9.26 -23.89
C ASP A 169 1.45 8.47 -25.07
N LEU A 170 1.61 7.16 -25.03
CA LEU A 170 1.45 6.30 -26.20
C LEU A 170 0.62 5.09 -25.77
N GLN A 171 -0.56 4.92 -26.37
CA GLN A 171 -1.42 3.77 -26.07
C GLN A 171 -0.92 2.65 -26.94
N ASP A 172 -0.48 1.55 -26.33
CA ASP A 172 0.06 0.43 -27.11
C ASP A 172 -0.52 -0.84 -26.51
N GLU A 173 -0.72 -1.87 -27.34
CA GLU A 173 -0.90 -3.22 -26.82
C GLU A 173 0.36 -3.69 -26.10
N ILE A 174 0.21 -4.06 -24.82
CA ILE A 174 1.31 -4.53 -24.01
C ILE A 174 1.20 -6.02 -23.70
N PRO A 175 2.25 -6.82 -23.98
CA PRO A 175 2.19 -8.27 -23.71
C PRO A 175 2.03 -8.58 -22.23
N ASP A 176 1.28 -9.63 -21.92
CA ASP A 176 1.20 -10.07 -20.55
C ASP A 176 1.81 -11.45 -20.43
N ARG A 177 2.64 -11.81 -21.41
CA ARG A 177 3.29 -13.12 -21.46
C ARG A 177 4.42 -13.04 -22.47
N ALA A 178 5.23 -14.10 -22.56
CA ALA A 178 6.31 -14.16 -23.53
C ALA A 178 5.72 -13.98 -24.93
N TRP A 179 6.54 -13.44 -25.84
CA TRP A 179 6.17 -13.34 -27.26
C TRP A 179 7.29 -13.93 -28.08
N SER A 180 6.94 -14.49 -29.24
CA SER A 180 7.89 -15.09 -30.17
C SER A 180 8.22 -14.18 -31.34
N SER A 181 7.41 -13.14 -31.55
CA SER A 181 7.55 -12.24 -32.68
C SER A 181 6.78 -10.99 -32.35
N GLY A 182 6.92 -9.97 -33.20
CA GLY A 182 6.20 -8.73 -33.04
C GLY A 182 6.77 -7.93 -31.89
N TYR A 183 6.02 -6.91 -31.48
CA TYR A 183 6.41 -6.02 -30.35
C TYR A 183 7.83 -5.48 -30.50
N GLU A 184 8.24 -5.20 -31.75
CA GLU A 184 9.61 -4.76 -32.01
C GLU A 184 9.97 -3.50 -31.22
N TRP A 185 8.99 -2.63 -31.01
CA TRP A 185 9.27 -1.37 -30.27
C TRP A 185 9.80 -1.61 -28.87
N ILE A 186 9.41 -2.75 -28.28
CA ILE A 186 9.86 -3.08 -26.91
C ILE A 186 11.35 -3.31 -26.86
N THR A 187 11.89 -4.08 -27.83
CA THR A 187 13.29 -4.55 -27.77
C THR A 187 14.27 -3.67 -28.54
N GLU A 188 13.75 -2.89 -29.48
CA GLU A 188 14.55 -1.95 -30.27
C GLU A 188 15.10 -0.77 -29.45
N TYR A 189 14.33 -0.34 -28.46
CA TYR A 189 14.64 0.83 -27.66
C TYR A 189 16.02 0.75 -27.01
N ALA A 190 16.76 1.85 -27.05
CA ALA A 190 18.14 1.87 -26.59
C ALA A 190 18.27 2.23 -25.10
N GLY A 191 17.30 2.92 -24.55
CA GLY A 191 17.38 3.38 -23.18
C GLY A 191 16.93 2.37 -22.14
N LYS A 192 16.67 2.86 -20.93
CA LYS A 192 16.22 2.07 -19.82
C LYS A 192 14.69 2.16 -19.65
N THR A 193 14.07 1.03 -19.31
CA THR A 193 12.62 0.90 -19.22
C THR A 193 12.24 0.30 -17.87
N VAL A 194 11.23 0.86 -17.22
CA VAL A 194 10.57 0.21 -16.07
C VAL A 194 9.24 -0.27 -16.63
N TRP A 195 8.98 -1.55 -16.46
CA TRP A 195 7.74 -2.11 -16.94
C TRP A 195 6.94 -2.62 -15.77
N PHE A 196 5.76 -2.05 -15.59
CA PHE A 196 4.86 -2.48 -14.56
C PHE A 196 3.97 -3.58 -15.11
N VAL A 197 4.08 -4.75 -14.50
CA VAL A 197 3.31 -5.94 -14.90
C VAL A 197 2.20 -6.27 -13.86
N ALA A 198 1.25 -7.13 -14.24
CA ALA A 198 0.11 -7.40 -13.34
C ALA A 198 0.45 -8.44 -12.26
N SER A 199 1.47 -9.24 -12.49
CA SER A 199 1.84 -10.27 -11.52
C SER A 199 3.30 -10.63 -11.60
N VAL A 200 3.84 -11.17 -10.50
CA VAL A 200 5.21 -11.62 -10.51
C VAL A 200 5.41 -12.73 -11.54
N LYS A 201 4.44 -13.64 -11.65
CA LYS A 201 4.53 -14.74 -12.60
C LYS A 201 4.67 -14.22 -14.03
N MET A 202 3.75 -13.33 -14.39
CA MET A 202 3.76 -12.67 -15.69
C MET A 202 5.07 -11.92 -15.90
N GLY A 203 5.46 -11.13 -14.90
CA GLY A 203 6.76 -10.45 -14.92
C GLY A 203 7.92 -11.37 -15.24
N ASN A 204 7.93 -12.56 -14.64
CA ASN A 204 9.01 -13.52 -14.90
C ASN A 204 9.02 -14.03 -16.33
N GLU A 205 7.85 -14.34 -16.88
CA GLU A 205 7.75 -14.80 -18.28
C GLU A 205 8.33 -13.76 -19.22
N ILE A 206 7.90 -12.52 -19.01
CA ILE A 206 8.39 -11.36 -19.75
C ILE A 206 9.91 -11.18 -19.60
N ALA A 207 10.41 -11.22 -18.36
CA ALA A 207 11.86 -11.09 -18.10
C ALA A 207 12.70 -12.14 -18.84
N MET A 208 12.24 -13.38 -18.78
CA MET A 208 12.96 -14.45 -19.45
C MET A 208 12.93 -14.26 -20.94
N CYS A 209 11.81 -13.75 -21.44
CA CYS A 209 11.66 -13.42 -22.85
C CYS A 209 12.69 -12.38 -23.28
N LEU A 210 12.72 -11.26 -22.55
CA LEU A 210 13.68 -10.18 -22.77
C LEU A 210 15.13 -10.62 -22.65
N GLN A 211 15.40 -11.51 -21.72
CA GLN A 211 16.76 -12.05 -21.55
C GLN A 211 17.18 -12.89 -22.75
N ARG A 212 16.26 -13.68 -23.29
CA ARG A 212 16.53 -14.42 -24.53
C ARG A 212 16.81 -13.46 -25.68
N ALA A 213 16.28 -12.24 -25.60
CA ALA A 213 16.56 -11.23 -26.63
C ALA A 213 17.86 -10.44 -26.37
N GLY A 214 18.60 -10.82 -25.33
CA GLY A 214 19.89 -10.21 -25.02
C GLY A 214 19.82 -9.01 -24.08
N LYS A 215 18.62 -8.75 -23.54
CA LYS A 215 18.40 -7.66 -22.58
C LYS A 215 18.79 -8.09 -21.16
N LYS A 216 19.39 -7.16 -20.41
CA LYS A 216 19.60 -7.34 -18.98
C LYS A 216 18.38 -6.84 -18.21
N VAL A 217 17.84 -7.72 -17.35
CA VAL A 217 16.57 -7.47 -16.70
C VAL A 217 16.70 -7.66 -15.20
N ILE A 218 16.07 -6.76 -14.45
CA ILE A 218 15.96 -6.88 -13.01
C ILE A 218 14.49 -7.05 -12.67
N GLN A 219 14.16 -8.09 -11.91
CA GLN A 219 12.82 -8.24 -11.40
C GLN A 219 12.70 -7.76 -9.96
N LEU A 220 12.15 -6.57 -9.77
CA LEU A 220 11.92 -5.98 -8.47
C LEU A 220 10.52 -6.23 -7.97
N ASN A 221 10.38 -7.30 -7.20
CA ASN A 221 9.17 -7.60 -6.47
C ASN A 221 9.61 -7.84 -5.04
N ARG A 222 9.39 -9.04 -4.52
CA ARG A 222 9.92 -9.36 -3.18
C ARG A 222 11.23 -10.13 -3.15
N LYS A 223 12.01 -9.93 -4.21
CA LYS A 223 13.46 -10.05 -4.16
C LYS A 223 13.97 -8.61 -4.00
N SER A 224 13.07 -7.75 -3.50
CA SER A 224 13.26 -6.30 -3.41
C SER A 224 14.61 -5.93 -2.82
N TYR A 225 14.66 -5.71 -1.50
CA TYR A 225 15.96 -5.49 -0.88
C TYR A 225 16.67 -6.82 -0.60
N ASP A 226 16.86 -7.57 -1.69
CA ASP A 226 17.75 -8.73 -1.74
C ASP A 226 19.00 -8.25 -2.48
N THR A 227 19.23 -8.73 -3.70
CA THR A 227 20.29 -8.16 -4.54
C THR A 227 19.69 -7.04 -5.39
N GLU A 228 18.40 -7.20 -5.68
CA GLU A 228 17.74 -6.49 -6.79
C GLU A 228 17.55 -4.99 -6.59
N TYR A 229 17.12 -4.57 -5.39
CA TYR A 229 16.93 -3.15 -5.07
C TYR A 229 18.14 -2.29 -5.44
N PRO A 230 19.32 -2.56 -4.85
CA PRO A 230 20.46 -1.75 -5.28
C PRO A 230 21.27 -2.42 -6.39
N LYS A 231 20.62 -3.33 -7.14
CA LYS A 231 21.19 -3.83 -8.39
C LYS A 231 20.87 -2.87 -9.56
N CYS A 232 19.95 -1.94 -9.33
CA CYS A 232 19.57 -0.95 -10.35
C CYS A 232 20.52 0.25 -10.33
N LYS A 233 21.15 0.49 -9.20
CA LYS A 233 22.01 1.67 -9.02
C LYS A 233 23.30 1.58 -9.81
N ASN A 234 23.78 0.36 -10.02
CA ASN A 234 24.90 0.08 -10.91
C ASN A 234 24.60 0.65 -12.30
N GLY A 235 23.34 0.49 -12.72
CA GLY A 235 22.87 1.06 -13.96
C GLY A 235 23.04 0.12 -15.13
N ASP A 236 23.62 -1.04 -14.91
CA ASP A 236 23.81 -1.94 -16.06
C ASP A 236 22.61 -2.85 -16.29
N TRP A 237 21.50 -2.23 -16.67
CA TRP A 237 20.27 -2.98 -16.94
C TRP A 237 19.54 -2.32 -18.06
N ASP A 238 18.69 -3.08 -18.75
CA ASP A 238 17.85 -2.55 -19.80
C ASP A 238 16.40 -2.38 -19.33
N PHE A 239 15.95 -3.32 -18.49
CA PHE A 239 14.59 -3.31 -17.95
C PHE A 239 14.59 -3.65 -16.49
N VAL A 240 13.76 -2.93 -15.75
CA VAL A 240 13.28 -3.35 -14.42
C VAL A 240 11.81 -3.74 -14.59
N ILE A 241 11.49 -4.98 -14.23
CA ILE A 241 10.12 -5.49 -14.25
C ILE A 241 9.60 -5.50 -12.82
N THR A 242 8.49 -4.81 -12.56
CA THR A 242 7.94 -4.69 -11.21
C THR A 242 6.41 -4.66 -11.21
N THR A 243 5.80 -4.97 -10.07
CA THR A 243 4.34 -5.02 -10.00
C THR A 243 3.78 -3.80 -9.30
N ASP A 244 4.63 -3.00 -8.65
CA ASP A 244 4.12 -2.23 -7.52
C ASP A 244 4.87 -0.96 -7.15
N ILE A 245 4.53 -0.43 -5.96
CA ILE A 245 5.10 0.82 -5.40
C ILE A 245 5.67 1.78 -6.44
N SER A 246 4.92 2.86 -6.66
CA SER A 246 5.36 3.95 -7.51
C SER A 246 4.75 5.25 -7.01
N ALA A 250 11.78 4.03 -4.76
CA ALA A 250 12.83 4.94 -5.19
C ALA A 250 12.97 4.96 -6.71
N ASN A 251 13.48 6.07 -7.23
CA ASN A 251 13.62 6.26 -8.68
C ASN A 251 14.80 5.48 -9.29
N PHE A 252 14.82 5.38 -10.62
CA PHE A 252 15.95 4.79 -11.34
C PHE A 252 16.36 5.58 -12.58
N GLY A 253 17.20 4.94 -13.39
CA GLY A 253 17.66 5.55 -14.61
C GLY A 253 16.68 5.53 -15.78
N ALA A 254 15.40 5.24 -15.53
CA ALA A 254 14.46 5.03 -16.67
C ALA A 254 14.14 6.25 -17.55
N SER A 255 14.14 6.03 -18.87
CA SER A 255 13.63 7.02 -19.82
C SER A 255 12.29 6.58 -20.43
N ARG A 256 11.89 5.34 -20.15
CA ARG A 256 10.65 4.82 -20.68
C ARG A 256 9.92 4.02 -19.61
N VAL A 257 8.61 4.17 -19.54
CA VAL A 257 7.75 3.29 -18.69
C VAL A 257 6.81 2.53 -19.64
N ILE A 258 6.71 1.24 -19.42
CA ILE A 258 5.65 0.42 -20.04
C ILE A 258 4.71 0.06 -18.91
N ASP A 259 3.44 0.38 -19.08
CA ASP A 259 2.44 0.16 -17.99
C ASP A 259 1.29 -0.66 -18.52
N CYS A 260 1.17 -1.89 -18.05
CA CYS A 260 0.01 -2.74 -18.44
C CYS A 260 -1.32 -2.20 -17.99
N ARG A 261 -1.29 -1.30 -16.98
CA ARG A 261 -2.45 -0.58 -16.51
C ARG A 261 -3.46 -1.51 -15.84
N LYS A 262 -2.96 -2.66 -15.40
CA LYS A 262 -3.78 -3.60 -14.59
C LYS A 262 -3.00 -4.07 -13.35
N SER A 263 -3.76 -4.51 -12.34
CA SER A 263 -3.14 -5.14 -11.19
C SER A 263 -4.13 -6.14 -10.59
N VAL A 264 -3.62 -7.04 -9.75
CA VAL A 264 -4.44 -8.06 -9.10
C VAL A 264 -4.76 -7.42 -7.74
N LYS A 265 -6.03 -7.28 -7.41
CA LYS A 265 -6.39 -6.56 -6.17
C LYS A 265 -7.18 -7.51 -5.28
N PRO A 266 -6.95 -7.42 -3.96
CA PRO A 266 -7.85 -8.20 -3.08
C PRO A 266 -9.23 -7.65 -3.13
N THR A 267 -10.17 -8.55 -3.41
CA THR A 267 -11.54 -8.22 -3.59
C THR A 267 -12.44 -9.01 -2.67
N ILE A 268 -13.40 -8.32 -2.08
CA ILE A 268 -14.33 -8.98 -1.19
C ILE A 268 -15.52 -9.56 -1.99
N LEU A 269 -15.82 -10.83 -1.74
CA LEU A 269 -16.98 -11.53 -2.30
C LEU A 269 -17.94 -11.84 -1.14
N GLU A 270 -19.12 -11.22 -1.14
CA GLU A 270 -20.05 -11.36 0.01
C GLU A 270 -20.89 -12.65 0.03
N GLU A 271 -20.61 -13.54 -0.93
CA GLU A 271 -21.29 -14.84 -1.09
C GLU A 271 -21.48 -15.72 0.17
N GLY A 272 -20.50 -16.55 0.50
CA GLY A 272 -20.72 -17.61 1.51
C GLY A 272 -20.81 -17.01 2.90
N GLU A 273 -19.94 -17.49 3.80
CA GLU A 273 -19.63 -16.71 4.98
C GLU A 273 -18.65 -15.59 4.58
N GLY A 274 -18.57 -15.32 3.28
CA GLY A 274 -17.79 -14.19 2.78
C GLY A 274 -16.38 -14.65 2.50
N ARG A 275 -15.70 -13.95 1.58
CA ARG A 275 -14.38 -14.37 1.15
C ARG A 275 -13.62 -13.22 0.49
N VAL A 276 -12.30 -13.24 0.60
CA VAL A 276 -11.44 -12.31 -0.12
C VAL A 276 -10.67 -13.08 -1.19
N ILE A 277 -10.82 -12.61 -2.43
CA ILE A 277 -10.13 -13.23 -3.54
C ILE A 277 -9.09 -12.31 -4.13
N LEU A 278 -8.12 -12.90 -4.79
CA LEU A 278 -7.21 -12.09 -5.57
C LEU A 278 -7.72 -12.15 -7.01
N GLY A 279 -8.37 -11.08 -7.44
CA GLY A 279 -9.12 -11.06 -8.69
C GLY A 279 -8.20 -11.20 -9.89
N ASN A 280 -8.75 -11.55 -11.06
CA ASN A 280 -8.00 -11.39 -12.29
C ASN A 280 -7.53 -9.95 -12.36
N PRO A 281 -6.47 -9.68 -13.14
CA PRO A 281 -5.94 -8.32 -13.32
C PRO A 281 -7.06 -7.35 -13.73
N SER A 282 -7.18 -6.23 -13.02
CA SER A 282 -8.25 -5.28 -13.25
C SER A 282 -7.59 -3.90 -13.43
N PRO A 283 -8.29 -2.95 -14.09
CA PRO A 283 -7.69 -1.62 -14.36
C PRO A 283 -7.21 -0.92 -13.11
N ILE A 284 -6.07 -0.25 -13.20
CA ILE A 284 -5.57 0.50 -12.05
C ILE A 284 -6.27 1.87 -11.99
N THR A 285 -6.12 2.58 -10.86
CA THR A 285 -6.69 3.89 -10.75
C THR A 285 -5.82 4.90 -11.52
N SER A 286 -6.38 6.08 -11.75
CA SER A 286 -5.62 7.19 -12.35
C SER A 286 -4.46 7.64 -11.45
N ALA A 287 -4.67 7.61 -10.14
CA ALA A 287 -3.55 7.89 -9.25
C ALA A 287 -2.40 6.91 -9.47
N SER A 288 -2.69 5.62 -9.54
CA SER A 288 -1.65 4.65 -9.72
C SER A 288 -0.99 4.82 -11.06
N ALA A 289 -1.80 5.08 -12.08
CA ALA A 289 -1.24 5.28 -13.47
C ALA A 289 -0.34 6.52 -13.51
N ALA A 290 -0.77 7.59 -12.85
CA ALA A 290 0.03 8.80 -12.76
C ALA A 290 1.36 8.58 -12.06
N GLN A 291 1.35 7.79 -10.99
CA GLN A 291 2.58 7.53 -10.26
C GLN A 291 3.57 6.71 -11.09
N ARG A 292 3.00 5.75 -11.84
CA ARG A 292 3.79 4.90 -12.72
C ARG A 292 4.45 5.75 -13.81
N ARG A 293 3.62 6.51 -14.50
CA ARG A 293 4.08 7.46 -15.54
C ARG A 293 5.08 8.47 -14.97
N GLY A 294 4.86 8.87 -13.72
CA GLY A 294 5.71 9.91 -13.13
C GLY A 294 7.14 9.50 -12.83
N ARG A 295 7.47 8.22 -13.00
CA ARG A 295 8.86 7.76 -12.92
C ARG A 295 9.71 8.42 -14.01
N VAL A 296 9.09 8.78 -15.13
CA VAL A 296 9.85 9.46 -16.21
C VAL A 296 9.48 10.93 -16.39
N GLY A 297 10.19 11.64 -17.25
CA GLY A 297 9.86 13.07 -17.42
C GLY A 297 10.37 13.90 -16.24
N ARG A 298 11.29 13.35 -15.46
CA ARG A 298 11.71 14.05 -14.24
C ARG A 298 12.87 14.97 -14.44
N ASN A 299 13.56 14.88 -15.57
CA ASN A 299 14.77 15.64 -15.75
C ASN A 299 14.52 16.68 -16.82
N PRO A 300 14.54 17.97 -16.47
CA PRO A 300 14.09 18.99 -17.44
C PRO A 300 15.04 19.07 -18.65
N ASN A 301 16.24 18.51 -18.49
CA ASN A 301 17.19 18.41 -19.62
C ASN A 301 17.15 17.11 -20.41
N GLN A 302 16.20 16.26 -20.10
CA GLN A 302 16.10 14.99 -20.85
C GLN A 302 14.76 14.96 -21.53
N VAL A 303 14.78 15.13 -22.86
CA VAL A 303 13.56 15.20 -23.60
C VAL A 303 13.29 13.83 -24.21
N GLY A 304 12.06 13.59 -24.56
CA GLY A 304 11.75 12.39 -25.31
C GLY A 304 11.39 11.21 -24.48
N ASP A 305 11.25 11.38 -23.16
CA ASP A 305 10.84 10.20 -22.34
C ASP A 305 9.46 9.70 -22.79
N GLU A 306 9.19 8.42 -22.61
CA GLU A 306 8.00 7.79 -23.18
C GLU A 306 7.25 7.02 -22.10
N TYR A 307 5.92 7.05 -22.19
CA TYR A 307 5.06 6.28 -21.30
C TYR A 307 4.11 5.53 -22.22
N HIS A 308 4.28 4.22 -22.26
CA HIS A 308 3.41 3.39 -23.10
C HIS A 308 2.43 2.72 -22.17
N TYR A 309 1.14 2.79 -22.48
CA TYR A 309 0.14 2.23 -21.58
C TYR A 309 -0.86 1.36 -22.35
N GLY A 310 -1.34 0.34 -21.67
CA GLY A 310 -2.12 -0.68 -22.36
C GLY A 310 -3.57 -0.88 -21.98
N GLY A 311 -4.22 0.12 -21.44
CA GLY A 311 -5.62 -0.02 -21.09
C GLY A 311 -6.09 1.16 -20.31
N ALA A 312 -7.38 1.19 -20.00
CA ALA A 312 -7.99 2.33 -19.38
C ALA A 312 -7.72 2.31 -17.87
N THR A 313 -7.83 3.45 -17.22
CA THR A 313 -7.90 3.47 -15.72
C THR A 313 -9.35 3.35 -15.27
N SER A 314 -9.55 3.02 -14.00
CA SER A 314 -10.90 3.01 -13.48
C SER A 314 -10.87 3.45 -12.04
N GLU A 315 -11.91 4.17 -11.62
CA GLU A 315 -12.07 4.55 -10.21
C GLU A 315 -13.17 3.75 -9.54
N ASP A 316 -13.79 2.84 -10.29
CA ASP A 316 -14.88 2.00 -9.81
C ASP A 316 -14.34 0.77 -9.06
N ASP A 317 -14.07 0.93 -7.78
CA ASP A 317 -13.37 -0.12 -7.06
C ASP A 317 -13.84 -0.30 -5.63
N SER A 318 -15.12 -0.05 -5.41
CA SER A 318 -15.73 -0.17 -4.08
C SER A 318 -15.61 -1.56 -3.43
N ASN A 319 -15.50 -2.60 -4.26
CA ASN A 319 -15.28 -3.96 -3.76
C ASN A 319 -13.83 -4.33 -3.45
N LEU A 320 -12.88 -3.43 -3.69
CA LEU A 320 -11.53 -3.65 -3.19
C LEU A 320 -11.65 -3.82 -1.67
N ALA A 321 -10.94 -4.81 -1.13
CA ALA A 321 -10.97 -5.15 0.31
C ALA A 321 -10.58 -3.93 1.13
N HIS A 322 -9.64 -3.12 0.60
CA HIS A 322 -9.08 -2.06 1.45
C HIS A 322 -10.07 -1.01 1.96
N TRP A 323 -11.16 -0.77 1.23
CA TRP A 323 -12.15 0.29 1.69
C TRP A 323 -12.86 -0.21 2.92
N THR A 324 -13.33 -1.45 2.83
CA THR A 324 -13.97 -2.07 3.98
C THR A 324 -13.00 -2.23 5.14
N GLU A 325 -11.76 -2.67 4.83
CA GLU A 325 -10.75 -2.85 5.90
C GLU A 325 -10.41 -1.50 6.55
N ALA A 326 -10.37 -0.43 5.77
CA ALA A 326 -10.15 0.92 6.34
C ALA A 326 -11.30 1.27 7.28
N LYS A 327 -12.53 0.94 6.89
CA LYS A 327 -13.70 1.25 7.73
C LYS A 327 -13.71 0.42 9.01
N ILE A 328 -13.27 -0.82 8.91
CA ILE A 328 -13.15 -1.70 10.10
C ILE A 328 -12.16 -1.06 11.11
N MET A 329 -11.05 -0.56 10.58
CA MET A 329 -10.04 0.05 11.44
C MET A 329 -10.59 1.33 12.03
N LEU A 330 -11.14 2.20 11.21
CA LEU A 330 -11.72 3.47 11.72
C LEU A 330 -12.80 3.26 12.78
N ASP A 331 -13.68 2.29 12.56
CA ASP A 331 -14.75 2.00 13.52
C ASP A 331 -14.18 1.56 14.87
N ASN A 332 -12.91 1.13 14.87
CA ASN A 332 -12.28 0.61 16.06
C ASN A 332 -11.28 1.58 16.68
N ILE A 333 -11.36 2.85 16.29
CA ILE A 333 -10.53 3.90 16.91
C ILE A 333 -11.50 4.71 17.77
N HIS A 334 -11.44 4.58 19.08
CA HIS A 334 -12.35 5.38 19.91
C HIS A 334 -11.98 6.86 19.87
N MET A 335 -12.96 7.72 19.72
CA MET A 335 -12.72 9.17 19.70
C MET A 335 -13.35 9.76 20.99
N PRO A 336 -12.92 10.97 21.38
CA PRO A 336 -13.48 11.68 22.56
C PRO A 336 -14.94 12.13 22.44
N ASN A 337 -15.40 12.62 21.28
CA ASN A 337 -16.78 13.16 21.22
C ASN A 337 -17.90 12.10 21.20
N GLY A 338 -17.55 10.89 21.63
CA GLY A 338 -18.38 9.70 21.41
C GLY A 338 -18.58 9.36 19.94
N LEU A 339 -17.98 10.13 19.03
CA LEU A 339 -18.31 9.97 17.61
C LEU A 339 -17.30 9.07 16.88
N VAL A 340 -17.69 8.60 15.71
CA VAL A 340 -16.87 7.68 14.95
C VAL A 340 -16.22 8.52 13.91
N ALA A 341 -14.91 8.33 13.76
CA ALA A 341 -14.24 9.06 12.73
C ALA A 341 -14.77 8.55 11.40
N GLN A 342 -14.60 9.37 10.40
CA GLN A 342 -15.08 9.01 9.11
C GLN A 342 -13.90 9.05 8.18
N LEU A 343 -14.04 8.39 7.04
CA LEU A 343 -13.04 8.54 5.96
C LEU A 343 -12.87 9.97 5.54
N TYR A 344 -11.68 10.30 5.05
CA TYR A 344 -11.40 11.56 4.43
C TYR A 344 -12.40 11.81 3.32
N GLY A 345 -12.93 13.05 3.25
CA GLY A 345 -14.05 13.42 2.37
C GLY A 345 -14.11 12.75 1.00
N PRO A 346 -13.08 12.95 0.17
CA PRO A 346 -13.14 12.35 -1.17
C PRO A 346 -13.21 10.84 -1.22
N GLU A 347 -12.98 10.16 -0.10
CA GLU A 347 -12.98 8.72 0.00
C GLU A 347 -14.22 8.12 0.65
N ARG A 348 -15.08 8.99 1.18
CA ARG A 348 -16.23 8.53 1.92
C ARG A 348 -17.18 7.70 1.06
N GLU A 349 -17.26 8.06 -0.21
CA GLU A 349 -18.22 7.39 -1.07
C GLU A 349 -17.85 5.94 -1.45
N LYS A 350 -16.66 5.49 -1.08
CA LYS A 350 -16.16 4.15 -1.48
C LYS A 350 -16.88 2.96 -0.84
N ALA A 351 -17.55 3.19 0.28
CA ALA A 351 -18.41 2.14 0.79
C ALA A 351 -19.22 2.75 1.91
N PHE A 352 -20.53 2.67 1.77
CA PHE A 352 -21.39 3.32 2.74
C PHE A 352 -21.82 2.28 3.74
N THR A 353 -21.44 2.48 4.99
CA THR A 353 -21.99 1.67 6.05
C THR A 353 -22.43 2.60 7.19
N MET A 354 -23.24 2.10 8.11
CA MET A 354 -23.57 2.90 9.28
C MET A 354 -22.29 3.01 10.11
N ASP A 355 -21.86 4.22 10.42
CA ASP A 355 -20.64 4.37 11.23
C ASP A 355 -20.78 3.54 12.50
N GLY A 356 -19.73 2.82 12.85
CA GLY A 356 -19.72 2.00 14.05
C GLY A 356 -20.05 0.52 13.82
N GLU A 357 -20.54 0.21 12.61
CA GLU A 357 -21.02 -1.12 12.22
C GLU A 357 -19.98 -2.19 12.57
N TYR A 358 -18.72 -1.85 12.37
CA TYR A 358 -17.61 -2.82 12.53
C TYR A 358 -16.90 -2.70 13.86
N ARG A 359 -17.42 -1.86 14.78
CA ARG A 359 -16.75 -1.73 16.06
C ARG A 359 -16.85 -3.02 16.87
N LEU A 360 -15.73 -3.43 17.43
CA LEU A 360 -15.65 -4.54 18.35
C LEU A 360 -15.43 -3.98 19.75
N ARG A 361 -15.84 -4.76 20.74
CA ARG A 361 -15.68 -4.30 22.11
C ARG A 361 -15.08 -5.42 22.95
N GLY A 362 -14.54 -5.05 24.12
CA GLY A 362 -14.07 -6.02 25.11
C GLY A 362 -13.18 -7.11 24.54
N GLU A 363 -13.56 -8.35 24.75
CA GLU A 363 -12.66 -9.43 24.44
C GLU A 363 -12.51 -9.57 22.92
N GLU A 364 -13.56 -9.25 22.17
CA GLU A 364 -13.48 -9.45 20.69
C GLU A 364 -12.45 -8.48 20.13
N LYS A 365 -12.45 -7.28 20.68
CA LYS A 365 -11.48 -6.28 20.24
C LYS A 365 -10.05 -6.68 20.60
N LYS A 366 -9.83 -7.21 21.81
CA LYS A 366 -8.52 -7.71 22.17
C LYS A 366 -8.04 -8.79 21.21
N ASN A 367 -8.92 -9.71 20.85
CA ASN A 367 -8.57 -10.80 19.94
C ASN A 367 -8.22 -10.28 18.55
N PHE A 368 -9.02 -9.35 18.10
CA PHE A 368 -8.81 -8.68 16.80
C PHE A 368 -7.42 -8.04 16.75
N LEU A 369 -7.07 -7.25 17.76
CA LEU A 369 -5.76 -6.62 17.77
C LEU A 369 -4.59 -7.59 17.82
N GLU A 370 -4.75 -8.69 18.55
CA GLU A 370 -3.71 -9.69 18.61
C GLU A 370 -3.57 -10.41 17.29
N LEU A 371 -4.69 -10.71 16.62
CA LEU A 371 -4.61 -11.34 15.30
C LEU A 371 -3.92 -10.44 14.28
N LEU A 372 -4.04 -9.12 14.46
CA LEU A 372 -3.39 -8.14 13.58
C LEU A 372 -1.93 -7.99 13.92
N ARG A 373 -1.63 -7.78 15.19
CA ARG A 373 -0.27 -7.38 15.53
C ARG A 373 0.70 -8.53 15.65
N THR A 374 0.25 -9.67 16.15
CA THR A 374 1.15 -10.82 16.28
C THR A 374 1.07 -11.72 15.07
N ALA A 375 -0.14 -12.08 14.64
CA ALA A 375 -0.31 -13.06 13.58
C ALA A 375 -0.21 -12.42 12.19
N ASP A 376 -0.24 -11.09 12.16
CA ASP A 376 -0.20 -10.30 10.92
C ASP A 376 -1.26 -10.73 9.88
N LEU A 377 -2.43 -11.17 10.35
CA LEU A 377 -3.52 -11.53 9.44
C LEU A 377 -4.03 -10.28 8.77
N PRO A 378 -4.56 -10.37 7.54
CA PRO A 378 -5.20 -9.24 6.92
C PRO A 378 -6.37 -8.75 7.78
N VAL A 379 -6.66 -7.45 7.72
CA VAL A 379 -7.72 -6.87 8.56
C VAL A 379 -9.03 -7.60 8.42
N TRP A 380 -9.45 -7.89 7.19
CA TRP A 380 -10.73 -8.54 6.97
C TRP A 380 -10.78 -9.88 7.70
N LEU A 381 -9.68 -10.66 7.56
CA LEU A 381 -9.69 -12.00 8.13
C LEU A 381 -9.65 -11.91 9.66
N ALA A 382 -8.85 -10.98 10.18
CA ALA A 382 -8.78 -10.76 11.65
C ALA A 382 -10.16 -10.40 12.16
N TYR A 383 -10.85 -9.54 11.41
CA TYR A 383 -12.19 -9.11 11.81
C TYR A 383 -13.18 -10.29 11.78
N LYS A 384 -13.17 -11.08 10.71
CA LYS A 384 -14.04 -12.26 10.65
C LYS A 384 -13.82 -13.17 11.85
N VAL A 385 -12.58 -13.50 12.16
CA VAL A 385 -12.27 -14.39 13.29
C VAL A 385 -12.72 -13.77 14.62
N ALA A 386 -12.32 -12.55 14.87
CA ALA A 386 -12.59 -11.94 16.20
C ALA A 386 -14.08 -11.67 16.41
N SER A 387 -14.77 -11.23 15.36
CA SER A 387 -16.20 -10.91 15.40
C SER A 387 -17.06 -12.14 15.59
N ASN A 388 -16.48 -13.31 15.33
CA ASN A 388 -17.16 -14.56 15.62
C ASN A 388 -16.86 -15.15 16.99
N GLY A 389 -16.23 -14.32 17.83
CA GLY A 389 -15.96 -14.62 19.24
C GLY A 389 -14.88 -15.66 19.48
N ILE A 390 -14.05 -15.90 18.46
CA ILE A 390 -12.88 -16.77 18.55
C ILE A 390 -11.72 -16.12 19.29
N GLN A 391 -11.12 -16.88 20.22
CA GLN A 391 -9.92 -16.42 20.91
C GLN A 391 -8.68 -16.52 20.03
N TYR A 392 -7.76 -15.57 20.18
CA TYR A 392 -6.51 -15.54 19.39
C TYR A 392 -5.80 -16.90 19.36
N THR A 393 -5.76 -17.61 20.47
CA THR A 393 -4.97 -18.85 20.52
C THR A 393 -5.73 -20.09 20.02
N ASP A 394 -7.02 -19.94 19.75
CA ASP A 394 -7.85 -21.02 19.30
C ASP A 394 -7.76 -21.08 17.77
N ARG A 395 -7.09 -22.11 17.26
CA ARG A 395 -6.81 -22.18 15.82
C ARG A 395 -7.74 -23.16 15.04
N LYS A 396 -8.80 -23.62 15.70
CA LYS A 396 -9.76 -24.59 15.15
C LYS A 396 -10.37 -24.14 13.85
N TRP A 397 -10.63 -22.84 13.77
CA TRP A 397 -11.12 -22.26 12.52
C TRP A 397 -10.23 -22.45 11.31
N CYS A 398 -8.93 -22.70 11.46
CA CYS A 398 -8.05 -22.97 10.31
C CYS A 398 -8.33 -24.31 9.64
N PHE A 399 -9.05 -25.17 10.34
CA PHE A 399 -9.22 -26.58 9.94
C PHE A 399 -10.67 -27.01 9.78
N ASP A 400 -11.62 -26.23 10.30
CA ASP A 400 -13.00 -26.74 10.35
C ASP A 400 -13.93 -26.12 9.32
N GLY A 401 -13.35 -25.53 8.28
CA GLY A 401 -14.13 -24.99 7.19
C GLY A 401 -14.67 -26.14 6.33
N PRO A 402 -15.51 -25.82 5.32
CA PRO A 402 -16.02 -26.86 4.41
C PRO A 402 -14.88 -27.42 3.54
N ARG A 403 -14.99 -28.67 3.08
CA ARG A 403 -13.91 -29.24 2.26
C ARG A 403 -13.61 -28.44 0.99
N THR A 404 -14.58 -27.63 0.56
CA THR A 404 -14.37 -26.70 -0.55
C THR A 404 -13.31 -25.64 -0.20
N ASN A 405 -13.06 -25.45 1.09
CA ASN A 405 -12.06 -24.44 1.52
C ASN A 405 -10.62 -24.94 1.70
N ALA A 406 -10.37 -26.23 1.40
CA ALA A 406 -9.01 -26.76 1.47
C ALA A 406 -8.05 -25.99 0.59
N ILE A 407 -6.94 -25.56 1.17
CA ILE A 407 -5.92 -24.86 0.44
C ILE A 407 -4.99 -25.89 -0.23
N LEU A 408 -4.73 -25.68 -1.54
CA LEU A 408 -3.86 -26.58 -2.30
C LEU A 408 -2.59 -25.88 -2.69
N GLU A 409 -1.46 -26.57 -2.54
CA GLU A 409 -0.14 -26.02 -2.82
C GLU A 409 0.62 -27.00 -3.71
N ASP A 410 1.10 -26.49 -4.84
CA ASP A 410 1.69 -27.33 -5.88
C ASP A 410 0.82 -28.58 -6.02
N ASN A 411 -0.47 -28.33 -6.20
CA ASN A 411 -1.46 -29.32 -6.63
C ASN A 411 -1.85 -30.42 -5.62
N ILE A 412 -1.69 -30.16 -4.32
CA ILE A 412 -2.10 -31.11 -3.26
C ILE A 412 -2.54 -30.36 -1.98
N GLU A 413 -3.42 -30.97 -1.21
CA GLU A 413 -3.95 -30.40 0.02
C GLU A 413 -2.86 -30.06 1.02
N VAL A 414 -2.99 -28.90 1.65
CA VAL A 414 -1.89 -28.45 2.48
C VAL A 414 -2.16 -29.12 3.81
N GLU A 415 -1.14 -29.78 4.36
CA GLU A 415 -1.28 -30.36 5.71
C GLU A 415 -0.32 -29.71 6.68
N ILE A 416 -0.71 -29.67 7.95
CA ILE A 416 0.24 -29.24 8.94
C ILE A 416 0.24 -30.25 10.09
N VAL A 417 1.28 -30.22 10.90
CA VAL A 417 1.31 -30.99 12.14
C VAL A 417 1.26 -29.97 13.26
N THR A 418 0.20 -30.01 14.06
CA THR A 418 0.07 -29.01 15.10
C THR A 418 1.07 -29.25 16.22
N ARG A 419 1.29 -28.26 17.07
CA ARG A 419 2.21 -28.48 18.17
C ARG A 419 1.66 -29.51 19.14
N MET A 420 0.34 -29.77 19.10
CA MET A 420 -0.25 -30.88 19.87
C MET A 420 -0.03 -32.30 19.29
N GLY A 421 0.55 -32.39 18.09
CA GLY A 421 0.82 -33.69 17.51
C GLY A 421 -0.31 -34.25 16.67
N GLU A 422 -1.09 -33.37 16.07
CA GLU A 422 -2.17 -33.81 15.18
C GLU A 422 -1.90 -33.30 13.78
N ARG A 423 -2.03 -34.20 12.79
CA ARG A 423 -1.91 -33.81 11.37
C ARG A 423 -3.29 -33.37 10.86
N LYS A 424 -3.39 -32.16 10.29
CA LYS A 424 -4.68 -31.62 9.88
C LYS A 424 -4.57 -31.01 8.49
N ILE A 425 -5.65 -31.04 7.74
CA ILE A 425 -5.67 -30.34 6.47
C ILE A 425 -6.06 -28.89 6.74
N LEU A 426 -5.34 -27.98 6.08
CA LEU A 426 -5.63 -26.55 6.18
C LEU A 426 -6.86 -26.26 5.31
N LYS A 427 -7.95 -25.92 6.00
CA LYS A 427 -9.26 -25.75 5.42
C LYS A 427 -10.01 -24.70 6.26
N PRO A 428 -9.63 -23.42 6.09
CA PRO A 428 -10.12 -22.37 6.98
C PRO A 428 -11.62 -22.07 6.84
N ARG A 429 -12.26 -21.65 7.94
CA ARG A 429 -13.67 -21.25 7.87
C ARG A 429 -13.94 -20.07 6.94
N TRP A 430 -12.97 -19.17 6.83
CA TRP A 430 -13.03 -17.99 5.94
C TRP A 430 -11.77 -17.99 5.13
N LEU A 431 -11.90 -17.77 3.81
CA LEU A 431 -10.74 -17.79 2.96
C LEU A 431 -10.36 -16.36 2.59
N ASP A 432 -9.12 -15.98 2.86
CA ASP A 432 -8.57 -14.68 2.44
C ASP A 432 -7.35 -15.03 1.62
N ALA A 433 -7.47 -14.82 0.31
CA ALA A 433 -6.42 -15.25 -0.62
C ALA A 433 -5.06 -14.65 -0.33
N ARG A 434 -5.00 -13.56 0.42
CA ARG A 434 -3.71 -13.00 0.76
C ARG A 434 -2.88 -13.87 1.64
N VAL A 435 -3.53 -14.71 2.45
CA VAL A 435 -2.80 -15.67 3.29
C VAL A 435 -2.29 -16.91 2.56
N TYR A 436 -2.65 -17.08 1.29
CA TYR A 436 -2.06 -18.16 0.48
C TYR A 436 -1.66 -17.66 -0.92
N ALA A 437 -1.30 -16.38 -0.99
CA ALA A 437 -1.00 -15.66 -2.24
C ALA A 437 0.29 -16.17 -2.84
N ASP A 438 1.28 -16.33 -1.98
CA ASP A 438 2.59 -16.78 -2.40
C ASP A 438 3.09 -17.84 -1.42
N HIS A 439 4.19 -18.49 -1.80
CA HIS A 439 4.76 -19.54 -0.98
C HIS A 439 5.07 -19.01 0.40
N GLN A 440 5.54 -17.76 0.48
CA GLN A 440 5.94 -17.18 1.76
C GLN A 440 4.74 -16.81 2.65
N ALA A 441 3.71 -16.21 2.06
CA ALA A 441 2.44 -15.97 2.75
C ALA A 441 1.84 -17.29 3.27
N LEU A 442 1.82 -18.32 2.42
CA LEU A 442 1.26 -19.62 2.83
C LEU A 442 2.11 -20.24 3.95
N LYS A 443 3.43 -20.11 3.85
CA LYS A 443 4.31 -20.57 4.91
C LYS A 443 4.01 -19.91 6.28
N TRP A 444 3.76 -18.62 6.26
CA TRP A 444 3.49 -17.90 7.52
C TRP A 444 2.15 -18.38 8.07
N PHE A 445 1.19 -18.57 7.19
CA PHE A 445 -0.15 -18.96 7.62
C PHE A 445 -0.13 -20.37 8.18
N LYS A 446 0.63 -21.25 7.54
CA LYS A 446 0.80 -22.63 8.07
C LYS A 446 1.42 -22.66 9.48
N ASP A 447 2.45 -21.84 9.70
CA ASP A 447 3.03 -21.70 11.05
C ASP A 447 1.97 -21.22 12.07
N PHE A 448 1.22 -20.18 11.68
CA PHE A 448 0.10 -19.70 12.47
C PHE A 448 -0.88 -20.83 12.81
N ALA A 449 -1.30 -21.57 11.79
CA ALA A 449 -2.31 -22.64 11.97
C ALA A 449 -1.82 -23.71 12.94
N ALA A 450 -0.53 -24.03 12.85
CA ALA A 450 0.12 -25.09 13.67
C ALA A 450 0.30 -24.63 15.11
N GLY A 451 0.20 -23.31 15.33
CA GLY A 451 0.42 -22.74 16.65
C GLY A 451 1.86 -22.35 16.89
N LYS A 452 2.62 -22.12 15.82
CA LYS A 452 4.03 -21.74 15.95
C LYS A 452 4.19 -20.30 16.41
#